data_8AJP
#
_entry.id   8AJP
#
_cell.length_a   63.925
_cell.length_b   90.814
_cell.length_c   74.866
_cell.angle_alpha   90.000
_cell.angle_beta   90.000
_cell.angle_gamma   90.000
#
_symmetry.space_group_name_H-M   'C 2 2 21'
#
loop_
_entity.id
_entity.type
_entity.pdbx_description
1 polymer 'Halide methyl transferase'
2 non-polymer S-ADENOSYL-L-HOMOCYSTEINE
3 non-polymer 'CHLORIDE ION'
4 water water
#
_entity_poly.entity_id   1
_entity_poly.type   'polypeptide(L)'
_entity_poly.pdbx_seq_one_letter_code
;MSDPTQPAVPDFETRDPNSPAFWDERFERRFTPWDQAGVPAAFQSFAARHSGAAVLIPGCGSAYEAVWLAGQGNPVRAID
FSPAAVAAAHEQLGAQHAQLVEQADFFTYEPPFTPAWIYERAFLCALPLARRADYAHRMADLLPGGALLAGFFFLGATPK
GPPFGIERAELDALLTPYFDLIEDEAVHDSIAVFAGRERWLTWRRRA
;
_entity_poly.pdbx_strand_id   A
#
loop_
_chem_comp.id
_chem_comp.type
_chem_comp.name
_chem_comp.formula
CL non-polymer 'CHLORIDE ION' 'Cl -1'
SAH non-polymer S-ADENOSYL-L-HOMOCYSTEINE 'C14 H20 N6 O5 S'
#
# COMPACT_ATOMS: atom_id res chain seq x y z
N VAL A 9 -0.20 -7.61 -20.30
CA VAL A 9 0.31 -8.07 -21.59
C VAL A 9 -0.17 -9.50 -21.85
N PRO A 10 0.13 -10.43 -20.92
CA PRO A 10 -0.37 -11.81 -21.05
C PRO A 10 -1.88 -11.91 -20.98
N ASP A 11 -2.39 -13.14 -21.11
CA ASP A 11 -3.84 -13.40 -21.16
C ASP A 11 -4.24 -14.14 -19.89
N PHE A 12 -4.92 -13.46 -18.97
CA PHE A 12 -5.27 -13.98 -17.67
C PHE A 12 -6.71 -14.44 -17.69
N GLU A 13 -6.99 -15.42 -16.86
CA GLU A 13 -8.32 -16.00 -16.95
C GLU A 13 -9.19 -15.50 -15.78
N THR A 14 -8.56 -14.87 -14.79
CA THR A 14 -9.23 -14.12 -13.72
C THR A 14 -9.29 -12.64 -14.12
N ARG A 15 -10.41 -11.98 -13.83
CA ARG A 15 -10.56 -10.59 -14.20
C ARG A 15 -11.08 -9.68 -13.10
N ASP A 16 -11.46 -10.19 -11.94
CA ASP A 16 -12.06 -9.37 -10.90
C ASP A 16 -11.02 -9.01 -9.83
N PRO A 17 -10.53 -7.76 -9.79
CA PRO A 17 -9.49 -7.44 -8.79
C PRO A 17 -10.01 -7.47 -7.36
N ASN A 18 -11.31 -7.57 -7.13
CA ASN A 18 -11.81 -7.78 -5.78
C ASN A 18 -11.49 -9.17 -5.27
N SER A 19 -11.01 -10.05 -6.13
CA SER A 19 -10.80 -11.45 -5.75
C SER A 19 -9.34 -11.73 -5.49
N PRO A 20 -9.04 -12.47 -4.41
CA PRO A 20 -7.64 -12.85 -4.19
C PRO A 20 -7.11 -13.74 -5.29
N ALA A 21 -8.00 -14.50 -5.96
CA ALA A 21 -7.55 -15.36 -7.04
C ALA A 21 -7.01 -14.55 -8.21
N PHE A 22 -7.58 -13.36 -8.44
CA PHE A 22 -7.06 -12.45 -9.46
C PHE A 22 -5.58 -12.15 -9.22
N TRP A 23 -5.23 -11.75 -8.00
CA TRP A 23 -3.84 -11.43 -7.69
C TRP A 23 -2.98 -12.68 -7.62
N ASP A 24 -3.54 -13.79 -7.16
CA ASP A 24 -2.81 -15.06 -7.22
C ASP A 24 -2.25 -15.31 -8.61
N GLU A 25 -3.10 -15.17 -9.63
CA GLU A 25 -2.68 -15.50 -10.99
C GLU A 25 -1.50 -14.62 -11.44
N ARG A 26 -1.53 -13.33 -11.10
CA ARG A 26 -0.44 -12.44 -11.51
C ARG A 26 0.87 -12.82 -10.83
N PHE A 27 0.84 -13.00 -9.51
CA PHE A 27 2.02 -13.45 -8.81
C PHE A 27 2.49 -14.80 -9.34
N GLU A 28 1.56 -15.73 -9.49
CA GLU A 28 1.93 -17.07 -9.94
C GLU A 28 2.57 -17.05 -11.32
N ARG A 29 2.09 -16.19 -12.24
CA ARG A 29 2.79 -16.29 -13.51
C ARG A 29 3.93 -15.32 -13.62
N ARG A 30 4.32 -14.67 -12.53
CA ARG A 30 5.48 -13.78 -12.56
C ARG A 30 5.22 -12.50 -13.37
N PHE A 31 3.96 -12.05 -13.45
CA PHE A 31 3.63 -10.79 -14.12
C PHE A 31 3.17 -9.82 -13.03
N THR A 32 4.13 -9.06 -12.51
CA THR A 32 3.88 -8.14 -11.40
C THR A 32 4.51 -6.80 -11.74
N PRO A 33 3.89 -6.07 -12.67
CA PRO A 33 4.49 -4.79 -13.12
C PRO A 33 4.76 -3.80 -12.00
N TRP A 34 3.97 -3.84 -10.93
CA TRP A 34 4.08 -2.88 -9.84
C TRP A 34 5.30 -3.11 -8.96
N ASP A 35 6.00 -4.23 -9.11
CA ASP A 35 6.94 -4.64 -8.08
C ASP A 35 8.24 -3.84 -8.20
N GLN A 36 8.64 -3.23 -7.09
CA GLN A 36 9.79 -2.35 -7.04
C GLN A 36 11.11 -3.11 -7.00
N ALA A 37 11.08 -4.39 -6.61
CA ALA A 37 12.29 -5.19 -6.42
C ALA A 37 13.17 -4.57 -5.35
N GLY A 38 12.57 -3.97 -4.33
CA GLY A 38 13.34 -3.28 -3.32
C GLY A 38 12.50 -2.29 -2.55
N VAL A 39 13.17 -1.56 -1.68
CA VAL A 39 12.54 -0.59 -0.79
C VAL A 39 12.72 0.80 -1.41
N PRO A 40 11.64 1.50 -1.76
CA PRO A 40 11.78 2.84 -2.37
C PRO A 40 12.50 3.82 -1.46
N ALA A 41 13.27 4.74 -2.08
CA ALA A 41 14.10 5.65 -1.30
C ALA A 41 13.24 6.56 -0.41
N ALA A 42 12.13 7.07 -0.93
CA ALA A 42 11.30 7.97 -0.13
C ALA A 42 10.67 7.24 1.06
N PHE A 43 10.37 5.95 0.92
CA PHE A 43 9.91 5.18 2.07
C PHE A 43 10.98 5.18 3.15
N GLN A 44 12.24 4.97 2.75
CA GLN A 44 13.32 4.90 3.73
C GLN A 44 13.50 6.23 4.45
N SER A 45 13.45 7.36 3.72
CA SER A 45 13.65 8.63 4.42
C SER A 45 12.45 8.98 5.27
N PHE A 46 11.23 8.64 4.82
CA PHE A 46 10.07 8.89 5.66
C PHE A 46 10.13 8.03 6.92
N ALA A 47 10.47 6.75 6.77
CA ALA A 47 10.51 5.88 7.93
C ALA A 47 11.59 6.30 8.91
N ALA A 48 12.72 6.83 8.43
CA ALA A 48 13.73 7.31 9.36
C ALA A 48 13.21 8.44 10.23
N ARG A 49 12.24 9.22 9.74
CA ARG A 49 11.67 10.33 10.51
C ARG A 49 10.67 9.88 11.54
N HIS A 50 10.15 8.65 11.44
CA HIS A 50 9.13 8.12 12.33
C HIS A 50 9.58 6.78 12.88
N SER A 51 10.77 6.76 13.50
CA SER A 51 11.39 5.48 13.84
C SER A 51 10.58 4.70 14.87
N GLY A 52 9.83 5.38 15.72
CA GLY A 52 9.04 4.62 16.66
C GLY A 52 7.66 4.22 16.19
N ALA A 53 7.25 4.66 15.01
CA ALA A 53 5.85 4.53 14.60
C ALA A 53 5.47 3.07 14.36
N ALA A 54 4.31 2.69 14.89
CA ALA A 54 3.70 1.42 14.53
C ALA A 54 3.07 1.53 13.14
N VAL A 55 3.44 0.61 12.24
CA VAL A 55 3.14 0.74 10.82
C VAL A 55 2.24 -0.40 10.38
N LEU A 56 1.16 -0.07 9.69
CA LEU A 56 0.34 -1.06 9.00
C LEU A 56 0.59 -0.94 7.50
N ILE A 57 0.82 -2.07 6.83
CA ILE A 57 1.06 -2.09 5.39
C ILE A 57 -0.01 -2.94 4.73
N PRO A 58 -1.08 -2.33 4.22
CA PRO A 58 -2.14 -3.10 3.54
C PRO A 58 -1.78 -3.41 2.09
N GLY A 59 -2.24 -4.57 1.63
CA GLY A 59 -1.96 -5.01 0.29
C GLY A 59 -0.46 -5.10 0.05
N CYS A 60 0.26 -5.72 1.00
CA CYS A 60 1.71 -5.56 1.06
C CYS A 60 2.45 -6.22 -0.09
N GLY A 61 1.83 -7.13 -0.83
CA GLY A 61 2.59 -7.84 -1.86
C GLY A 61 3.86 -8.47 -1.30
N SER A 62 5.00 -8.29 -2.00
CA SER A 62 6.26 -8.91 -1.58
C SER A 62 6.73 -8.39 -0.23
N ALA A 63 6.25 -7.23 0.21
CA ALA A 63 6.50 -6.71 1.56
C ALA A 63 7.96 -6.33 1.79
N TYR A 64 8.66 -5.85 0.75
CA TYR A 64 10.04 -5.40 0.94
C TYR A 64 10.14 -4.43 2.11
N GLU A 65 9.17 -3.51 2.19
CA GLU A 65 9.17 -2.48 3.21
C GLU A 65 9.03 -3.07 4.61
N ALA A 66 8.35 -4.21 4.75
CA ALA A 66 8.21 -4.79 6.09
C ALA A 66 9.54 -5.34 6.59
N VAL A 67 10.32 -5.93 5.69
CA VAL A 67 11.67 -6.39 6.02
C VAL A 67 12.52 -5.21 6.46
N TRP A 68 12.47 -4.11 5.71
CA TRP A 68 13.23 -2.93 6.09
C TRP A 68 12.85 -2.42 7.47
N LEU A 69 11.54 -2.30 7.73
CA LEU A 69 11.07 -1.83 9.02
C LEU A 69 11.47 -2.78 10.15
N ALA A 70 11.44 -4.09 9.90
CA ALA A 70 11.92 -5.04 10.89
C ALA A 70 13.35 -4.73 11.30
N GLY A 71 14.18 -4.30 10.34
CA GLY A 71 15.55 -3.92 10.66
C GLY A 71 15.65 -2.64 11.47
N GLN A 72 14.73 -1.69 11.26
CA GLN A 72 14.74 -0.46 12.04
C GLN A 72 14.07 -0.63 13.41
N GLY A 73 13.25 -1.65 13.60
CA GLY A 73 12.63 -1.92 14.89
C GLY A 73 11.23 -1.39 15.06
N ASN A 74 10.63 -0.79 14.03
CA ASN A 74 9.24 -0.36 14.14
C ASN A 74 8.33 -1.58 14.36
N PRO A 75 7.33 -1.47 15.23
CA PRO A 75 6.20 -2.41 15.14
C PRO A 75 5.60 -2.32 13.75
N VAL A 76 5.37 -3.46 13.12
CA VAL A 76 4.81 -3.48 11.77
C VAL A 76 3.96 -4.73 11.56
N ARG A 77 2.84 -4.54 10.87
CA ARG A 77 2.04 -5.64 10.34
C ARG A 77 1.81 -5.36 8.88
N ALA A 78 2.12 -6.34 8.05
CA ALA A 78 1.86 -6.30 6.63
C ALA A 78 0.78 -7.34 6.36
N ILE A 79 -0.20 -6.98 5.54
CA ILE A 79 -1.31 -7.87 5.24
C ILE A 79 -1.58 -7.88 3.75
N ASP A 80 -2.03 -9.03 3.25
CA ASP A 80 -2.40 -9.18 1.86
C ASP A 80 -3.37 -10.34 1.80
N PHE A 81 -4.48 -10.18 1.06
CA PHE A 81 -5.55 -11.21 1.08
C PHE A 81 -5.25 -12.32 0.05
N SER A 82 -4.18 -12.13 -0.69
CA SER A 82 -3.71 -13.08 -1.71
C SER A 82 -2.76 -14.12 -1.15
N PRO A 83 -3.06 -15.42 -1.27
CA PRO A 83 -2.07 -16.44 -0.87
C PRO A 83 -0.75 -16.34 -1.62
N ALA A 84 -0.78 -16.10 -2.93
CA ALA A 84 0.47 -16.01 -3.66
C ALA A 84 1.25 -14.76 -3.23
N ALA A 85 0.55 -13.68 -2.89
CA ALA A 85 1.26 -12.51 -2.38
C ALA A 85 1.92 -12.82 -1.05
N VAL A 86 1.19 -13.50 -0.16
CA VAL A 86 1.77 -13.82 1.14
C VAL A 86 2.96 -14.78 0.97
N ALA A 87 2.90 -15.68 -0.01
CA ALA A 87 4.06 -16.53 -0.25
C ALA A 87 5.25 -15.71 -0.72
N ALA A 88 5.01 -14.69 -1.55
CA ALA A 88 6.07 -13.78 -1.96
C ALA A 88 6.64 -13.03 -0.77
N ALA A 89 5.76 -12.58 0.15
CA ALA A 89 6.25 -11.90 1.35
C ALA A 89 7.08 -12.83 2.20
N HIS A 90 6.65 -14.09 2.36
CA HIS A 90 7.43 -15.03 3.16
C HIS A 90 8.80 -15.25 2.56
N GLU A 91 8.90 -15.27 1.24
CA GLU A 91 10.20 -15.41 0.61
C GLU A 91 11.13 -14.27 1.02
N GLN A 92 10.59 -13.05 1.16
CA GLN A 92 11.42 -11.90 1.52
C GLN A 92 11.70 -11.88 3.02
N LEU A 93 10.67 -12.20 3.81
CA LEU A 93 10.75 -12.10 5.27
C LEU A 93 11.56 -13.24 5.87
N GLY A 94 11.56 -14.40 5.22
CA GLY A 94 12.16 -15.61 5.78
C GLY A 94 11.49 -16.05 7.05
N ALA A 95 11.94 -17.16 7.65
CA ALA A 95 11.34 -17.57 8.93
C ALA A 95 11.53 -16.50 9.98
N GLN A 96 12.64 -15.77 9.90
CA GLN A 96 12.96 -14.81 10.96
C GLN A 96 11.86 -13.77 11.15
N HIS A 97 11.32 -13.23 10.05
CA HIS A 97 10.35 -12.15 10.13
C HIS A 97 8.99 -12.53 9.57
N ALA A 98 8.74 -13.84 9.38
CA ALA A 98 7.50 -14.27 8.75
C ALA A 98 6.27 -13.81 9.54
N GLN A 99 6.40 -13.67 10.86
CA GLN A 99 5.21 -13.32 11.63
C GLN A 99 4.77 -11.88 11.42
N LEU A 100 5.54 -11.10 10.67
CA LEU A 100 5.13 -9.72 10.40
C LEU A 100 4.07 -9.64 9.30
N VAL A 101 3.84 -10.71 8.54
CA VAL A 101 2.83 -10.73 7.49
C VAL A 101 1.69 -11.66 7.87
N GLU A 102 0.47 -11.25 7.55
CA GLU A 102 -0.70 -12.12 7.71
C GLU A 102 -1.50 -12.09 6.42
N GLN A 103 -2.08 -13.23 6.07
CA GLN A 103 -3.06 -13.26 4.98
C GLN A 103 -4.36 -12.70 5.53
N ALA A 104 -4.74 -11.51 5.07
CA ALA A 104 -5.92 -10.86 5.65
C ALA A 104 -6.49 -9.84 4.68
N ASP A 105 -7.81 -9.69 4.75
CA ASP A 105 -8.58 -8.65 4.09
C ASP A 105 -8.40 -7.32 4.82
N PHE A 106 -7.84 -6.34 4.12
CA PHE A 106 -7.68 -5.00 4.71
C PHE A 106 -8.99 -4.45 5.28
N PHE A 107 -10.10 -4.73 4.63
CA PHE A 107 -11.37 -4.17 5.07
C PHE A 107 -11.98 -4.89 6.26
N THR A 108 -11.39 -6.01 6.67
CA THR A 108 -11.81 -6.76 7.85
C THR A 108 -10.77 -6.74 8.96
N TYR A 109 -9.50 -6.61 8.61
CA TYR A 109 -8.41 -6.82 9.57
C TYR A 109 -8.39 -5.73 10.64
N GLU A 110 -8.32 -6.16 11.90
CA GLU A 110 -8.05 -5.25 13.01
C GLU A 110 -6.60 -5.44 13.42
N PRO A 111 -5.76 -4.41 13.35
CA PRO A 111 -4.36 -4.57 13.69
C PRO A 111 -4.22 -4.83 15.19
N PRO A 112 -3.14 -5.48 15.62
CA PRO A 112 -2.91 -5.67 17.05
C PRO A 112 -2.36 -4.44 17.76
N PHE A 113 -2.28 -3.31 17.07
CA PHE A 113 -1.91 -2.03 17.65
C PHE A 113 -2.70 -0.94 16.96
N THR A 114 -2.69 0.26 17.54
CA THR A 114 -3.18 1.44 16.84
C THR A 114 -2.09 1.95 15.91
N PRO A 115 -2.30 1.95 14.59
CA PRO A 115 -1.23 2.42 13.70
C PRO A 115 -0.96 3.90 13.92
N ALA A 116 0.32 4.25 13.90
CA ALA A 116 0.71 5.65 13.77
C ALA A 116 0.90 6.04 12.32
N TRP A 117 1.10 5.05 11.45
CA TRP A 117 1.38 5.29 10.05
C TRP A 117 0.84 4.09 9.27
N ILE A 118 -0.01 4.35 8.30
CA ILE A 118 -0.42 3.34 7.33
C ILE A 118 0.28 3.67 6.02
N TYR A 119 1.12 2.75 5.57
CA TYR A 119 1.93 2.96 4.38
C TYR A 119 1.21 2.45 3.14
N GLU A 120 1.09 3.32 2.15
CA GLU A 120 0.40 3.07 0.89
C GLU A 120 1.44 2.86 -0.20
N ARG A 121 1.41 1.72 -0.89
CA ARG A 121 2.09 1.64 -2.17
C ARG A 121 1.33 0.68 -3.05
N ALA A 122 0.90 1.16 -4.22
CA ALA A 122 0.27 0.32 -5.23
C ALA A 122 -0.91 -0.49 -4.65
N PHE A 123 -1.56 0.05 -3.62
CA PHE A 123 -2.74 -0.59 -3.02
C PHE A 123 -4.03 0.13 -3.39
N LEU A 124 -4.12 1.44 -3.14
CA LEU A 124 -5.28 2.17 -3.62
C LEU A 124 -5.49 1.93 -5.11
N CYS A 125 -4.41 1.90 -5.89
CA CYS A 125 -4.60 1.72 -7.31
C CYS A 125 -4.87 0.27 -7.69
N ALA A 126 -4.77 -0.65 -6.72
CA ALA A 126 -5.19 -2.02 -6.99
C ALA A 126 -6.69 -2.19 -6.84
N LEU A 127 -7.36 -1.24 -6.17
CA LEU A 127 -8.76 -1.43 -5.81
C LEU A 127 -9.67 -1.00 -6.96
N PRO A 128 -10.69 -1.80 -7.27
CA PRO A 128 -11.73 -1.30 -8.18
C PRO A 128 -12.27 0.03 -7.72
N LEU A 129 -12.75 0.83 -8.67
CA LEU A 129 -13.26 2.16 -8.34
C LEU A 129 -14.32 2.09 -7.23
N ALA A 130 -15.17 1.06 -7.25
CA ALA A 130 -16.24 0.96 -6.27
C ALA A 130 -15.74 0.70 -4.86
N ARG A 131 -14.47 0.34 -4.67
CA ARG A 131 -13.92 0.15 -3.34
C ARG A 131 -13.23 1.40 -2.80
N ARG A 132 -13.17 2.48 -3.58
CA ARG A 132 -12.46 3.67 -3.13
C ARG A 132 -13.10 4.30 -1.91
N ALA A 133 -14.43 4.36 -1.88
CA ALA A 133 -15.07 4.98 -0.72
C ALA A 133 -14.79 4.19 0.54
N ASP A 134 -14.81 2.84 0.45
CA ASP A 134 -14.46 1.99 1.59
C ASP A 134 -13.03 2.26 2.06
N TYR A 135 -12.11 2.46 1.12
CA TYR A 135 -10.73 2.74 1.47
C TYR A 135 -10.64 3.96 2.37
N ALA A 136 -11.28 5.05 1.96
CA ALA A 136 -11.25 6.28 2.76
C ALA A 136 -11.83 6.05 4.16
N HIS A 137 -13.03 5.47 4.25
CA HIS A 137 -13.62 5.25 5.56
C HIS A 137 -12.73 4.35 6.41
N ARG A 138 -12.19 3.30 5.80
CA ARG A 138 -11.35 2.36 6.55
C ARG A 138 -10.11 3.05 7.09
N MET A 139 -9.41 3.81 6.23
CA MET A 139 -8.25 4.59 6.70
C MET A 139 -8.64 5.54 7.82
N ALA A 140 -9.76 6.24 7.67
CA ALA A 140 -10.19 7.15 8.73
C ALA A 140 -10.51 6.39 10.01
N ASP A 141 -11.11 5.22 9.89
CA ASP A 141 -11.45 4.45 11.09
C ASP A 141 -10.20 3.98 11.82
N LEU A 142 -9.18 3.57 11.06
CA LEU A 142 -7.98 2.94 11.63
C LEU A 142 -7.06 3.96 12.29
N LEU A 143 -7.04 5.20 11.78
CA LEU A 143 -6.06 6.18 12.17
C LEU A 143 -6.64 7.16 13.18
N PRO A 144 -6.04 7.33 14.35
CA PRO A 144 -6.45 8.40 15.26
C PRO A 144 -6.00 9.75 14.74
N GLY A 145 -6.62 10.80 15.27
CA GLY A 145 -6.23 12.15 14.91
C GLY A 145 -4.73 12.34 15.03
N GLY A 146 -4.12 12.99 14.03
CA GLY A 146 -2.69 13.22 14.02
C GLY A 146 -1.87 12.12 13.38
N ALA A 147 -2.41 10.91 13.27
CA ALA A 147 -1.69 9.81 12.65
C ALA A 147 -1.72 9.96 11.12
N LEU A 148 -0.89 9.17 10.44
CA LEU A 148 -0.54 9.43 9.06
C LEU A 148 -0.93 8.31 8.13
N LEU A 149 -1.52 8.68 7.00
CA LEU A 149 -1.63 7.82 5.83
C LEU A 149 -0.64 8.37 4.83
N ALA A 150 0.41 7.60 4.52
CA ALA A 150 1.49 8.20 3.75
C ALA A 150 2.13 7.16 2.86
N GLY A 151 2.39 7.53 1.62
CA GLY A 151 3.08 6.62 0.72
C GLY A 151 2.94 7.08 -0.72
N PHE A 152 3.01 6.11 -1.62
CA PHE A 152 3.04 6.41 -3.05
C PHE A 152 1.63 6.33 -3.60
N PHE A 153 1.17 7.43 -4.19
CA PHE A 153 -0.15 7.49 -4.80
C PHE A 153 0.03 7.64 -6.31
N PHE A 154 -0.74 6.89 -7.06
CA PHE A 154 -0.61 6.75 -8.51
C PHE A 154 -1.62 7.71 -9.13
N LEU A 155 -1.14 8.88 -9.58
CA LEU A 155 -2.04 9.99 -9.90
C LEU A 155 -2.31 10.09 -11.40
N GLY A 156 -3.51 10.59 -11.72
CA GLY A 156 -3.92 10.71 -13.11
C GLY A 156 -4.73 9.51 -13.54
N ALA A 157 -5.93 9.75 -14.08
CA ALA A 157 -6.79 8.65 -14.50
C ALA A 157 -6.06 7.74 -15.48
N THR A 158 -6.41 6.46 -15.45
CA THR A 158 -5.94 5.48 -16.42
C THR A 158 -7.13 4.97 -17.19
N PRO A 159 -6.91 4.47 -18.41
CA PRO A 159 -8.04 3.91 -19.17
C PRO A 159 -8.52 2.59 -18.60
N LYS A 160 -7.62 1.73 -18.19
CA LYS A 160 -8.04 0.46 -17.66
C LYS A 160 -7.42 0.32 -16.29
N GLY A 161 -7.66 -0.79 -15.63
CA GLY A 161 -6.96 -1.04 -14.39
C GLY A 161 -7.27 -2.42 -13.89
N PRO A 162 -6.55 -2.89 -12.85
CA PRO A 162 -5.50 -2.13 -12.16
C PRO A 162 -4.20 -2.12 -12.94
N PRO A 163 -3.32 -1.14 -12.66
CA PRO A 163 -3.52 -0.04 -11.70
C PRO A 163 -4.58 0.96 -12.13
N PHE A 164 -5.47 1.30 -11.20
CA PHE A 164 -6.47 2.34 -11.44
C PHE A 164 -5.89 3.67 -10.98
N GLY A 165 -5.54 4.54 -11.92
CA GLY A 165 -5.07 5.84 -11.54
C GLY A 165 -6.17 6.66 -10.91
N ILE A 166 -5.82 7.68 -10.13
CA ILE A 166 -6.82 8.55 -9.54
C ILE A 166 -6.46 9.99 -9.82
N GLU A 167 -7.46 10.77 -10.26
CA GLU A 167 -7.23 12.20 -10.46
C GLU A 167 -7.02 12.89 -9.12
N ARG A 168 -6.16 13.92 -9.13
CA ARG A 168 -5.88 14.64 -7.89
C ARG A 168 -7.17 15.14 -7.24
N ALA A 169 -8.09 15.68 -8.04
CA ALA A 169 -9.34 16.20 -7.46
C ALA A 169 -10.18 15.08 -6.87
N GLU A 170 -10.21 13.91 -7.51
CA GLU A 170 -10.96 12.81 -6.92
C GLU A 170 -10.32 12.33 -5.64
N LEU A 171 -8.99 12.29 -5.59
CA LEU A 171 -8.32 11.89 -4.35
C LEU A 171 -8.66 12.86 -3.22
N ASP A 172 -8.72 14.16 -3.53
CA ASP A 172 -9.15 15.14 -2.54
C ASP A 172 -10.56 14.84 -2.06
N ALA A 173 -11.47 14.60 -3.00
CA ALA A 173 -12.85 14.32 -2.62
C ALA A 173 -12.93 13.13 -1.69
N LEU A 174 -12.02 12.16 -1.87
CA LEU A 174 -12.02 10.96 -1.05
C LEU A 174 -11.47 11.21 0.35
N LEU A 175 -10.34 11.91 0.44
CA LEU A 175 -9.59 11.94 1.69
C LEU A 175 -9.70 13.23 2.49
N THR A 176 -9.98 14.40 1.85
CA THR A 176 -9.92 15.63 2.65
C THR A 176 -11.02 15.71 3.72
N PRO A 177 -12.13 14.98 3.63
CA PRO A 177 -13.07 14.99 4.76
C PRO A 177 -12.47 14.39 6.01
N TYR A 178 -11.43 13.57 5.86
CA TYR A 178 -10.81 12.87 6.97
C TYR A 178 -9.36 13.25 7.19
N PHE A 179 -8.68 13.81 6.19
CA PHE A 179 -7.24 14.01 6.22
C PHE A 179 -6.91 15.37 5.66
N ASP A 180 -5.83 15.97 6.16
CA ASP A 180 -5.20 17.12 5.55
C ASP A 180 -3.97 16.67 4.77
N LEU A 181 -3.82 17.15 3.55
CA LEU A 181 -2.58 16.88 2.83
C LEU A 181 -1.46 17.72 3.42
N ILE A 182 -0.35 17.09 3.82
CA ILE A 182 0.76 17.86 4.36
C ILE A 182 2.08 17.65 3.62
N GLU A 183 2.12 16.76 2.62
CA GLU A 183 3.34 16.52 1.88
C GLU A 183 2.95 16.01 0.50
N ASP A 184 3.63 16.52 -0.55
CA ASP A 184 3.41 16.03 -1.92
C ASP A 184 4.73 16.16 -2.66
N GLU A 185 5.44 15.04 -2.81
CA GLU A 185 6.83 15.06 -3.28
C GLU A 185 7.03 14.24 -4.54
N ALA A 186 7.88 14.75 -5.41
CA ALA A 186 8.36 13.96 -6.54
C ALA A 186 9.13 12.75 -6.05
N VAL A 187 9.13 11.70 -6.87
CA VAL A 187 9.76 10.43 -6.56
C VAL A 187 10.87 10.20 -7.57
N HIS A 188 12.06 9.85 -7.07
CA HIS A 188 13.25 9.86 -7.91
C HIS A 188 13.80 8.48 -8.20
N ASP A 189 13.13 7.41 -7.73
CA ASP A 189 13.57 6.06 -8.09
C ASP A 189 12.41 5.24 -8.62
N SER A 190 11.45 5.87 -9.30
CA SER A 190 10.25 5.16 -9.72
C SER A 190 10.58 4.13 -10.79
N ILE A 191 9.81 3.05 -10.82
CA ILE A 191 9.87 2.04 -11.87
C ILE A 191 9.02 2.51 -13.05
N ALA A 192 9.07 1.79 -14.16
CA ALA A 192 8.52 2.28 -15.41
C ALA A 192 7.02 2.60 -15.29
N VAL A 193 6.24 1.68 -14.74
CA VAL A 193 4.79 1.86 -14.76
C VAL A 193 4.37 3.08 -13.94
N PHE A 194 5.17 3.47 -12.94
CA PHE A 194 4.83 4.58 -12.07
C PHE A 194 5.64 5.84 -12.36
N ALA A 195 6.63 5.78 -13.25
CA ALA A 195 7.48 6.93 -13.50
C ALA A 195 6.66 8.14 -13.95
N GLY A 196 6.85 9.27 -13.27
CA GLY A 196 6.12 10.48 -13.58
C GLY A 196 4.66 10.46 -13.23
N ARG A 197 4.16 9.38 -12.65
CA ARG A 197 2.77 9.30 -12.21
C ARG A 197 2.62 9.20 -10.70
N GLU A 198 3.48 8.44 -10.03
CA GLU A 198 3.37 8.35 -8.59
C GLU A 198 4.00 9.56 -7.93
N ARG A 199 3.44 9.92 -6.78
CA ARG A 199 3.98 10.96 -5.91
C ARG A 199 3.93 10.41 -4.50
N TRP A 200 4.87 10.86 -3.66
CA TRP A 200 4.75 10.57 -2.25
C TRP A 200 3.82 11.60 -1.61
N LEU A 201 2.71 11.14 -1.07
CA LEU A 201 1.78 12.02 -0.36
C LEU A 201 1.73 11.61 1.11
N THR A 202 1.72 12.60 1.99
CA THR A 202 1.50 12.38 3.41
C THR A 202 0.19 13.04 3.79
N TRP A 203 -0.72 12.27 4.35
CA TRP A 203 -2.02 12.72 4.81
C TRP A 203 -2.06 12.59 6.33
N ARG A 204 -2.48 13.65 7.01
CA ARG A 204 -2.56 13.66 8.47
C ARG A 204 -4.04 13.56 8.85
N ARG A 205 -4.37 12.56 9.66
CA ARG A 205 -5.75 12.37 10.09
C ARG A 205 -6.24 13.62 10.85
N ARG A 206 -7.41 14.12 10.46
CA ARG A 206 -7.96 15.29 11.11
C ARG A 206 -8.44 14.94 12.51
N ALA A 207 -8.39 15.91 13.41
CA ALA A 207 -8.81 15.70 14.79
C ALA A 207 -10.34 15.75 14.90
N SAH B . 1.91 -3.02 -2.09
CA SAH B . 2.64 -4.06 -2.82
CB SAH B . 1.74 -4.86 -3.74
CG SAH B . 0.83 -4.07 -4.66
SD SAH B . -0.13 -5.18 -5.73
C SAH B . 3.79 -3.39 -3.59
O SAH B . 4.61 -4.07 -4.21
OXT SAH B . 3.89 -2.16 -3.58
C5' SAH B . -1.71 -5.05 -4.86
C4' SAH B . -1.80 -6.02 -3.72
O4' SAH B . -2.87 -5.67 -2.86
C3' SAH B . -2.00 -7.52 -4.10
O3' SAH B . -0.98 -8.30 -3.51
C2' SAH B . -3.38 -7.91 -3.59
O2' SAH B . -3.49 -9.23 -3.14
C1' SAH B . -3.61 -6.86 -2.48
N9 SAH B . -4.99 -6.56 -2.13
C8 SAH B . -6.02 -6.12 -2.93
N7 SAH B . -7.12 -5.98 -2.16
C5 SAH B . -6.81 -6.30 -0.89
C6 SAH B . -7.55 -6.36 0.29
N6 SAH B . -8.83 -6.03 0.29
N1 SAH B . -6.93 -6.72 1.46
C2 SAH B . -5.60 -7.07 1.48
N3 SAH B . -4.88 -7.03 0.30
C4 SAH B . -5.47 -6.64 -0.85
HN1 SAH B . 1.34 -3.33 -1.52
HN2 SAH B . 2.29 -2.26 -2.09
HA SAH B . 3.02 -4.71 -2.18
HB1 SAH B . 1.13 -5.51 -3.11
HB2 SAH B . 2.38 -5.50 -4.35
HG1 SAH B . 1.43 -3.39 -5.28
HG2 SAH B . 0.15 -3.46 -4.07
H5'1 SAH B . -2.52 -5.23 -5.57
H5'2 SAH B . -1.83 -4.03 -4.49
H4' SAH B . -0.82 -5.95 -3.24
H3' SAH B . -1.92 -7.68 -5.19
HO3' SAH B . -1.37 -8.89 -2.83
H2' SAH B . -4.15 -7.90 -4.36
HO2' SAH B . -3.74 -9.23 -2.19
H1' SAH B . -3.22 -7.29 -1.56
H8 SAH B . -5.96 -5.92 -4.00
HN61 SAH B . -9.28 -5.73 -0.58
HN62 SAH B . -9.37 -6.07 1.15
H2 SAH B . -5.11 -7.36 2.40
CL CL C . -1.09 -2.56 -7.68
#